data_1Z6M
#
_entry.id   1Z6M
#
_cell.length_a   55.797
_cell.length_b   69.236
_cell.length_c   82.538
_cell.angle_alpha   90.00
_cell.angle_beta   90.00
_cell.angle_gamma   90.00
#
_symmetry.space_group_name_H-M   'C 2 2 21'
#
loop_
_entity.id
_entity.type
_entity.pdbx_description
1 polymer 'conserved hypothetical protein'
2 non-polymer 'PHOSPHATE ION'
3 water water
#
_entity_poly.entity_id   1
_entity_poly.type   'polypeptide(L)'
_entity_poly.pdbx_seq_one_letter_code
;SNA(MSE)DISVIDATKVNTETGLHIGESNAPVK(MSE)IEFINVRCPYCRKWFEESEELLAQSVKSGKVERIIKLFDKE
KESLQRGNV(MSE)HHYIDYSAPEQALSALHK(MSE)FATQDEWGNLTLEEVATYAEKNLGLKEQKDATLVSAVIAEANA
AHIQFVPTIIIGEYIFDESVTEEELRGYIEK
;
_entity_poly.pdbx_strand_id   A
#
# COMPACT_ATOMS: atom_id res chain seq x y z
N SER A 1 17.20 2.12 0.96
CA SER A 1 18.24 2.09 -0.12
C SER A 1 17.72 2.77 -1.35
N ASN A 2 18.65 3.22 -2.20
CA ASN A 2 18.32 3.66 -3.54
C ASN A 2 18.15 2.41 -4.39
N ALA A 3 16.91 2.01 -4.65
N ALA A 3 16.96 1.83 -4.24
CA ALA A 3 16.70 0.74 -5.36
CA ALA A 3 16.58 0.57 -4.87
C ALA A 3 15.94 0.84 -6.67
C ALA A 3 16.02 1.11 -6.14
N ASP A 5 15.38 2.30 -9.67
CA ASP A 5 15.43 2.85 -11.03
C ASP A 5 14.14 3.45 -11.57
N ILE A 6 13.90 4.71 -11.20
CA ILE A 6 12.70 5.39 -11.66
C ILE A 6 12.65 5.43 -13.19
N SER A 7 13.82 5.35 -13.82
CA SER A 7 13.88 5.27 -15.29
C SER A 7 13.45 3.92 -15.88
N VAL A 8 13.60 2.84 -15.12
N VAL A 8 13.59 2.83 -15.12
CA VAL A 8 13.17 1.52 -15.59
CA VAL A 8 13.14 1.52 -15.64
C VAL A 8 11.65 1.34 -15.38
C VAL A 8 11.66 1.25 -15.33
N ILE A 9 11.14 1.87 -14.29
CA ILE A 9 9.70 1.76 -13.98
C ILE A 9 8.92 2.44 -15.08
N ASP A 10 7.86 1.76 -15.54
CA ASP A 10 6.98 2.31 -16.56
C ASP A 10 5.65 2.67 -15.93
N ALA A 11 5.50 3.96 -15.60
CA ALA A 11 4.32 4.46 -14.89
C ALA A 11 3.09 4.44 -15.77
N THR A 12 3.24 4.16 -17.07
CA THR A 12 2.05 4.03 -17.92
C THR A 12 1.37 2.67 -17.76
N LYS A 13 2.04 1.72 -17.10
CA LYS A 13 1.54 0.34 -17.03
C LYS A 13 0.80 0.05 -15.72
N VAL A 14 0.73 1.04 -14.85
CA VAL A 14 -0.08 0.91 -13.64
C VAL A 14 -1.49 1.39 -13.93
N ASN A 15 -2.44 1.02 -13.09
CA ASN A 15 -3.81 1.46 -13.26
C ASN A 15 -4.43 1.89 -11.94
N THR A 16 -5.56 2.56 -12.02
CA THR A 16 -6.28 3.03 -10.85
C THR A 16 -7.49 2.16 -10.54
N GLU A 17 -7.47 0.93 -11.04
CA GLU A 17 -8.59 0.00 -10.85
C GLU A 17 -8.38 -1.03 -9.75
N THR A 18 -7.26 -1.74 -9.82
CA THR A 18 -7.02 -2.85 -8.89
C THR A 18 -6.57 -2.33 -7.55
N GLY A 19 -7.22 -2.80 -6.48
CA GLY A 19 -6.73 -2.49 -5.15
C GLY A 19 -7.73 -1.82 -4.26
N LEU A 20 -7.24 -1.29 -3.15
CA LEU A 20 -8.07 -0.65 -2.15
C LEU A 20 -8.21 0.84 -2.48
N HIS A 21 -9.44 1.29 -2.69
CA HIS A 21 -9.68 2.69 -3.04
C HIS A 21 -10.06 3.49 -1.82
N ILE A 22 -9.32 4.55 -1.56
CA ILE A 22 -9.59 5.46 -0.45
C ILE A 22 -9.83 6.84 -1.03
N GLY A 23 -11.02 7.39 -0.77
CA GLY A 23 -11.35 8.71 -1.28
C GLY A 23 -12.39 8.66 -2.37
N GLU A 24 -12.67 9.83 -2.94
CA GLU A 24 -13.69 9.97 -3.97
C GLU A 24 -13.24 9.43 -5.33
N SER A 25 -14.10 8.63 -5.98
N SER A 25 -14.10 8.65 -5.98
CA SER A 25 -13.75 8.04 -7.28
CA SER A 25 -13.76 8.06 -7.30
C SER A 25 -13.45 9.08 -8.36
C SER A 25 -13.45 9.11 -8.36
N ASN A 26 -14.03 10.30 -8.18
CA ASN A 26 -13.74 11.31 -9.20
CA ASN A 26 -13.86 11.41 -9.11
C ASN A 26 -12.64 12.29 -8.80
N ALA A 27 -11.95 12.02 -7.69
CA ALA A 27 -10.83 12.88 -7.29
C ALA A 27 -9.82 12.98 -8.43
N PRO A 28 -9.37 14.20 -8.76
CA PRO A 28 -8.47 14.38 -9.90
C PRO A 28 -7.09 13.74 -9.75
N VAL A 29 -6.56 13.72 -8.54
CA VAL A 29 -5.20 13.21 -8.34
C VAL A 29 -5.30 11.76 -7.89
N LYS A 30 -4.73 10.86 -8.70
CA LYS A 30 -4.74 9.43 -8.39
C LYS A 30 -3.38 9.04 -7.85
N ILE A 32 -1.13 6.08 -6.57
CA ILE A 32 -0.98 4.63 -6.61
C ILE A 32 0.14 4.21 -5.67
N GLU A 33 -0.16 3.27 -4.77
CA GLU A 33 0.79 2.89 -3.72
C GLU A 33 0.99 1.39 -3.71
N PHE A 34 2.16 0.94 -4.15
CA PHE A 34 2.54 -0.47 -4.04
C PHE A 34 3.26 -0.63 -2.71
N ILE A 35 2.66 -1.43 -1.83
CA ILE A 35 3.20 -1.59 -0.49
C ILE A 35 3.09 -3.05 -0.05
N ASN A 36 3.90 -3.40 0.96
CA ASN A 36 3.73 -4.66 1.67
C ASN A 36 3.68 -4.29 3.14
N VAL A 37 2.67 -4.77 3.85
CA VAL A 37 2.42 -4.30 5.22
CA VAL A 37 2.40 -4.29 5.19
C VAL A 37 3.43 -4.76 6.24
N ARG A 38 4.32 -5.68 5.89
CA ARG A 38 5.41 -6.03 6.80
C ARG A 38 6.64 -5.15 6.62
N CYS A 39 6.65 -4.40 5.53
CA CYS A 39 7.84 -3.64 5.20
C CYS A 39 8.00 -2.41 6.10
N PRO A 40 9.17 -2.22 6.74
CA PRO A 40 9.35 -1.04 7.58
C PRO A 40 9.49 0.27 6.79
N TYR A 41 9.87 0.16 5.52
CA TYR A 41 9.96 1.34 4.67
C TYR A 41 8.54 1.78 4.31
N CYS A 42 7.67 0.80 4.05
CA CYS A 42 6.24 1.07 3.84
C CYS A 42 5.61 1.63 5.11
N ARG A 43 6.01 1.11 6.27
CA ARG A 43 5.55 1.67 7.55
CA ARG A 43 5.56 1.67 7.55
C ARG A 43 5.90 3.15 7.67
N LYS A 44 7.13 3.50 7.32
CA LYS A 44 7.61 4.89 7.34
CA LYS A 44 7.58 4.90 7.36
C LYS A 44 6.78 5.75 6.39
N TRP A 45 6.58 5.27 5.16
CA TRP A 45 5.73 5.98 4.20
C TRP A 45 4.34 6.25 4.80
N PHE A 46 3.73 5.21 5.37
CA PHE A 46 2.39 5.35 5.89
C PHE A 46 2.30 6.34 7.05
N GLU A 47 3.25 6.30 7.97
CA GLU A 47 3.16 7.23 9.10
C GLU A 47 3.46 8.68 8.69
N GLU A 48 4.46 8.88 7.84
CA GLU A 48 4.92 10.25 7.56
C GLU A 48 3.93 11.00 6.68
N SER A 49 3.14 10.25 5.90
CA SER A 49 2.15 10.84 4.99
C SER A 49 0.72 10.85 5.52
N GLU A 50 0.50 10.28 6.72
CA GLU A 50 -0.84 10.02 7.22
CA GLU A 50 -0.84 10.03 7.22
C GLU A 50 -1.74 11.27 7.23
N GLU A 51 -1.26 12.36 7.83
CA GLU A 51 -2.06 13.57 7.99
C GLU A 51 -2.32 14.29 6.67
N LEU A 52 -1.27 14.46 5.88
CA LEU A 52 -1.44 15.11 4.58
CA LEU A 52 -1.41 15.10 4.58
C LEU A 52 -2.39 14.33 3.69
N LEU A 53 -2.24 13.01 3.64
CA LEU A 53 -3.16 12.23 2.82
C LEU A 53 -4.60 12.21 3.33
N ALA A 54 -4.79 12.18 4.65
CA ALA A 54 -6.14 12.20 5.19
C ALA A 54 -6.84 13.49 4.77
N GLN A 55 -6.14 14.62 4.87
CA GLN A 55 -6.75 15.88 4.46
C GLN A 55 -7.01 15.92 2.95
N SER A 56 -6.04 15.43 2.17
CA SER A 56 -6.17 15.46 0.70
C SER A 56 -7.33 14.59 0.21
N VAL A 57 -7.52 13.46 0.87
CA VAL A 57 -8.63 12.57 0.57
C VAL A 57 -9.96 13.20 0.97
N LYS A 58 -9.98 13.79 2.16
CA LYS A 58 -11.20 14.40 2.67
C LYS A 58 -11.65 15.58 1.80
N SER A 59 -10.68 16.37 1.34
CA SER A 59 -10.96 17.55 0.51
C SER A 59 -11.37 17.23 -0.93
N GLY A 60 -11.31 15.96 -1.31
CA GLY A 60 -11.71 15.52 -2.65
C GLY A 60 -10.62 15.63 -3.71
N LYS A 61 -9.40 16.03 -3.30
CA LYS A 61 -8.31 16.24 -4.23
C LYS A 61 -7.67 14.91 -4.68
N VAL A 62 -7.53 13.98 -3.74
CA VAL A 62 -6.79 12.74 -3.96
C VAL A 62 -7.66 11.50 -3.75
N GLU A 63 -7.53 10.54 -4.67
CA GLU A 63 -7.97 9.18 -4.43
C GLU A 63 -6.72 8.31 -4.34
N ARG A 64 -6.63 7.50 -3.28
CA ARG A 64 -5.53 6.57 -3.14
C ARG A 64 -5.98 5.22 -3.65
N ILE A 65 -5.08 4.56 -4.38
CA ILE A 65 -5.30 3.19 -4.82
CA ILE A 65 -5.27 3.20 -4.87
C ILE A 65 -4.15 2.36 -4.26
N ILE A 66 -4.46 1.63 -3.20
CA ILE A 66 -3.45 0.92 -2.43
C ILE A 66 -3.37 -0.53 -2.92
N LYS A 67 -2.20 -0.88 -3.43
CA LYS A 67 -1.94 -2.16 -4.06
C LYS A 67 -1.07 -2.99 -3.13
N LEU A 68 -1.68 -3.99 -2.51
CA LEU A 68 -0.97 -4.83 -1.54
C LEU A 68 -0.22 -5.90 -2.30
N PHE A 69 1.09 -5.71 -2.34
CA PHE A 69 2.00 -6.48 -3.20
C PHE A 69 2.58 -7.62 -2.37
N ASP A 70 2.09 -8.84 -2.61
CA ASP A 70 2.70 -10.03 -1.96
C ASP A 70 4.08 -10.24 -2.55
N LYS A 71 5.08 -10.45 -1.69
CA LYS A 71 6.46 -10.48 -2.11
C LYS A 71 7.11 -11.78 -1.72
N GLU A 72 8.25 -12.09 -2.36
CA GLU A 72 8.96 -13.36 -2.21
C GLU A 72 9.91 -13.39 -1.01
N LYS A 73 10.49 -12.24 -0.68
CA LYS A 73 11.49 -12.17 0.39
C LYS A 73 10.92 -12.77 1.67
N GLU A 74 11.71 -13.60 2.35
CA GLU A 74 11.18 -14.37 3.47
C GLU A 74 10.45 -13.52 4.51
N SER A 75 11.07 -12.42 4.93
CA SER A 75 10.44 -11.55 5.94
CA SER A 75 10.45 -11.53 5.92
C SER A 75 9.10 -11.02 5.43
N LEU A 76 9.06 -10.57 4.18
CA LEU A 76 7.86 -9.96 3.64
C LEU A 76 6.72 -10.94 3.41
N GLN A 77 7.03 -12.24 3.39
CA GLN A 77 5.96 -13.22 3.33
C GLN A 77 4.99 -13.13 4.51
N ARG A 78 5.46 -12.68 5.67
CA ARG A 78 4.57 -12.41 6.79
C ARG A 78 3.52 -11.36 6.40
N GLY A 79 3.96 -10.33 5.69
CA GLY A 79 3.05 -9.30 5.19
C GLY A 79 2.03 -9.88 4.23
N ASN A 80 2.47 -10.81 3.39
CA ASN A 80 1.55 -11.45 2.46
C ASN A 80 0.35 -12.05 3.18
N VAL A 81 0.60 -12.71 4.30
CA VAL A 81 -0.47 -13.31 5.08
C VAL A 81 -1.45 -12.22 5.50
N HIS A 83 -2.04 -9.34 4.18
CA HIS A 83 -2.76 -8.80 3.03
C HIS A 83 -4.05 -9.54 2.75
N HIS A 84 -4.11 -10.80 3.17
CA HIS A 84 -5.27 -11.64 2.86
C HIS A 84 -6.39 -11.51 3.88
N TYR A 85 -6.20 -10.63 4.87
CA TYR A 85 -7.20 -10.33 5.90
C TYR A 85 -7.84 -8.96 5.68
N ILE A 86 -7.60 -8.39 4.50
CA ILE A 86 -8.10 -7.08 4.15
C ILE A 86 -9.48 -7.21 3.52
N ASP A 87 -10.42 -6.48 4.11
CA ASP A 87 -11.81 -6.50 3.66
C ASP A 87 -12.02 -5.45 2.59
N TYR A 88 -11.90 -5.87 1.33
CA TYR A 88 -12.03 -4.94 0.22
C TYR A 88 -13.42 -4.35 0.05
N SER A 89 -14.42 -4.97 0.70
CA SER A 89 -15.81 -4.50 0.64
C SER A 89 -16.04 -3.27 1.54
N ALA A 90 -15.09 -3.00 2.44
CA ALA A 90 -15.24 -1.93 3.43
C ALA A 90 -13.95 -1.09 3.49
N PRO A 91 -13.73 -0.20 2.51
CA PRO A 91 -12.44 0.49 2.36
C PRO A 91 -11.97 1.28 3.57
N GLU A 92 -12.86 2.05 4.20
CA GLU A 92 -12.51 2.81 5.40
C GLU A 92 -12.05 1.89 6.54
N GLN A 93 -12.74 0.76 6.69
CA GLN A 93 -12.36 -0.23 7.70
CA GLN A 93 -12.39 -0.26 7.68
C GLN A 93 -11.04 -0.91 7.33
N ALA A 94 -10.82 -1.12 6.03
CA ALA A 94 -9.57 -1.71 5.54
C ALA A 94 -8.38 -0.80 5.81
N LEU A 95 -8.56 0.51 5.62
CA LEU A 95 -7.49 1.46 5.91
C LEU A 95 -7.17 1.42 7.41
N SER A 96 -8.21 1.35 8.24
CA SER A 96 -8.02 1.24 9.69
CA SER A 96 -7.97 1.27 9.67
C SER A 96 -7.22 -0.01 10.03
N ALA A 97 -7.56 -1.12 9.38
CA ALA A 97 -6.83 -2.36 9.57
C ALA A 97 -5.36 -2.21 9.17
N LEU A 98 -5.09 -1.57 8.03
CA LEU A 98 -3.70 -1.33 7.62
C LEU A 98 -2.96 -0.54 8.69
N HIS A 99 -3.62 0.48 9.23
CA HIS A 99 -3.00 1.26 10.30
C HIS A 99 -2.66 0.41 11.51
N LYS A 100 -3.56 -0.50 11.88
CA LYS A 100 -3.30 -1.37 13.03
CA LYS A 100 -3.31 -1.40 13.01
C LYS A 100 -2.20 -2.38 12.71
N PHE A 102 0.33 -1.92 10.65
CA PHE A 102 1.58 -1.21 10.71
C PHE A 102 1.99 -0.90 12.17
N ALA A 103 1.03 -0.51 12.99
CA ALA A 103 1.35 -0.19 14.38
C ALA A 103 1.86 -1.41 15.15
N THR A 104 1.45 -2.60 14.74
CA THR A 104 1.84 -3.85 15.39
C THR A 104 2.90 -4.65 14.61
N GLN A 105 3.52 -4.01 13.62
CA GLN A 105 4.40 -4.70 12.67
C GLN A 105 5.50 -5.54 13.31
N ASP A 106 6.08 -5.03 14.39
CA ASP A 106 7.16 -5.77 15.05
C ASP A 106 6.67 -6.96 15.87
N GLU A 107 5.39 -6.95 16.22
CA GLU A 107 4.78 -8.03 17.00
C GLU A 107 4.50 -9.24 16.15
N TRP A 108 3.92 -9.05 14.97
CA TRP A 108 3.56 -10.19 14.11
C TRP A 108 4.60 -10.42 13.00
N GLY A 109 5.44 -9.43 12.74
CA GLY A 109 6.33 -9.48 11.57
C GLY A 109 7.42 -10.52 11.63
N ASN A 110 7.67 -11.05 12.83
CA ASN A 110 8.72 -12.04 13.05
C ASN A 110 8.18 -13.43 13.42
N LEU A 111 6.89 -13.63 13.19
CA LEU A 111 6.25 -14.90 13.52
C LEU A 111 6.29 -15.86 12.33
N THR A 112 6.04 -17.14 12.58
CA THR A 112 5.86 -18.08 11.48
C THR A 112 4.61 -17.69 10.70
N LEU A 113 4.51 -18.16 9.47
CA LEU A 113 3.37 -17.76 8.63
C LEU A 113 2.05 -18.19 9.26
N GLU A 114 2.02 -19.38 9.84
CA GLU A 114 0.83 -19.84 10.55
C GLU A 114 0.48 -18.92 11.73
N GLU A 115 1.49 -18.47 12.46
CA GLU A 115 1.25 -17.61 13.62
CA GLU A 115 1.29 -17.60 13.62
C GLU A 115 0.87 -16.18 13.22
N VAL A 116 1.30 -15.73 12.03
CA VAL A 116 0.82 -14.44 11.55
C VAL A 116 -0.69 -14.53 11.34
N ALA A 117 -1.17 -15.63 10.75
CA ALA A 117 -2.60 -15.85 10.56
C ALA A 117 -3.35 -15.84 11.89
N THR A 118 -2.80 -16.53 12.88
CA THR A 118 -3.38 -16.60 14.20
C THR A 118 -3.44 -15.21 14.82
N TYR A 119 -2.37 -14.44 14.65
CA TYR A 119 -2.33 -13.07 15.17
C TYR A 119 -3.39 -12.20 14.49
N ALA A 120 -3.54 -12.33 13.17
CA ALA A 120 -4.57 -11.58 12.47
C ALA A 120 -5.96 -11.88 13.04
N GLU A 121 -6.19 -13.15 13.32
CA GLU A 121 -7.49 -13.62 13.79
C GLU A 121 -7.72 -13.28 15.25
N LYS A 122 -6.77 -13.62 16.11
CA LYS A 122 -6.96 -13.54 17.56
C LYS A 122 -6.56 -12.18 18.14
N ASN A 123 -5.50 -11.59 17.60
CA ASN A 123 -5.00 -10.30 18.11
C ASN A 123 -5.58 -9.10 17.39
N LEU A 124 -5.89 -9.23 16.10
CA LEU A 124 -6.43 -8.11 15.36
C LEU A 124 -7.92 -8.26 15.05
N GLY A 125 -8.48 -9.45 15.30
CA GLY A 125 -9.91 -9.68 15.11
C GLY A 125 -10.37 -9.72 13.66
N LEU A 126 -9.47 -10.14 12.76
CA LEU A 126 -9.74 -10.13 11.33
C LEU A 126 -10.14 -11.52 10.81
N LYS A 127 -10.68 -11.54 9.60
CA LYS A 127 -11.12 -12.78 9.00
CA LYS A 127 -11.13 -12.81 8.98
C LYS A 127 -10.39 -13.03 7.67
N GLU A 128 -9.92 -14.25 7.46
CA GLU A 128 -9.17 -14.58 6.24
C GLU A 128 -10.11 -14.47 5.05
N GLN A 129 -9.65 -13.79 4.00
CA GLN A 129 -10.47 -13.58 2.81
C GLN A 129 -9.62 -13.26 1.60
N LYS A 130 -8.65 -14.12 1.32
CA LYS A 130 -7.76 -13.91 0.18
C LYS A 130 -8.57 -13.76 -1.11
N ASP A 131 -8.26 -12.72 -1.88
CA ASP A 131 -8.81 -12.59 -3.23
C ASP A 131 -7.67 -12.94 -4.17
N ALA A 132 -7.62 -14.20 -4.60
CA ALA A 132 -6.48 -14.70 -5.39
C ALA A 132 -6.30 -13.92 -6.68
N THR A 133 -7.40 -13.51 -7.30
CA THR A 133 -7.35 -12.77 -8.55
CA THR A 133 -7.32 -12.78 -8.55
C THR A 133 -6.73 -11.39 -8.30
N LEU A 134 -7.15 -10.74 -7.23
CA LEU A 134 -6.59 -9.44 -6.89
C LEU A 134 -5.09 -9.56 -6.56
N VAL A 135 -4.72 -10.55 -5.75
CA VAL A 135 -3.32 -10.77 -5.40
C VAL A 135 -2.48 -10.92 -6.67
N SER A 136 -2.93 -11.78 -7.59
CA SER A 136 -2.20 -12.01 -8.83
CA SER A 136 -2.20 -12.01 -8.82
CA SER A 136 -2.21 -12.02 -8.83
C SER A 136 -2.20 -10.76 -9.70
N ALA A 137 -3.31 -10.01 -9.69
CA ALA A 137 -3.41 -8.81 -10.51
C ALA A 137 -2.38 -7.78 -10.07
N VAL A 138 -2.19 -7.62 -8.76
CA VAL A 138 -1.18 -6.68 -8.27
C VAL A 138 0.23 -7.13 -8.67
N ILE A 139 0.53 -8.41 -8.50
CA ILE A 139 1.84 -8.93 -8.91
C ILE A 139 2.07 -8.71 -10.42
N ALA A 140 1.05 -9.01 -11.23
CA ALA A 140 1.14 -8.85 -12.69
C ALA A 140 1.32 -7.38 -13.08
N GLU A 141 0.62 -6.49 -12.40
CA GLU A 141 0.71 -5.05 -12.66
C GLU A 141 2.10 -4.52 -12.30
N ALA A 142 2.60 -4.91 -11.12
CA ALA A 142 3.96 -4.52 -10.73
C ALA A 142 4.95 -5.01 -11.77
N ASN A 143 4.74 -6.24 -12.25
CA ASN A 143 5.63 -6.78 -13.25
C ASN A 143 5.60 -5.99 -14.56
N ALA A 144 4.40 -5.65 -15.01
CA ALA A 144 4.22 -4.87 -16.23
C ALA A 144 4.92 -3.52 -16.15
N ALA A 145 4.89 -2.93 -14.96
CA ALA A 145 5.46 -1.60 -14.73
C ALA A 145 6.91 -1.67 -14.29
N HIS A 146 7.45 -2.87 -14.15
CA HIS A 146 8.86 -3.07 -13.74
C HIS A 146 9.11 -2.54 -12.34
N ILE A 147 8.10 -2.72 -11.48
CA ILE A 147 8.16 -2.32 -10.08
C ILE A 147 8.51 -3.56 -9.25
N GLN A 148 9.72 -3.59 -8.72
CA GLN A 148 10.16 -4.72 -7.91
C GLN A 148 10.15 -4.44 -6.42
N PHE A 149 10.22 -3.17 -6.05
CA PHE A 149 10.44 -2.81 -4.66
C PHE A 149 9.25 -2.09 -4.05
N VAL A 150 9.18 -2.14 -2.73
CA VAL A 150 8.18 -1.38 -2.01
C VAL A 150 8.86 -0.48 -0.97
N PRO A 151 8.23 0.64 -0.61
CA PRO A 151 7.04 1.20 -1.25
C PRO A 151 7.41 1.86 -2.57
N THR A 152 6.56 1.70 -3.58
CA THR A 152 6.64 2.50 -4.80
C THR A 152 5.36 3.29 -4.92
N ILE A 153 5.47 4.61 -4.87
CA ILE A 153 4.32 5.49 -4.93
C ILE A 153 4.38 6.24 -6.24
N ILE A 154 3.24 6.34 -6.93
CA ILE A 154 3.21 6.93 -8.25
C ILE A 154 2.04 7.91 -8.33
N ILE A 155 2.34 9.13 -8.76
CA ILE A 155 1.31 10.10 -9.11
C ILE A 155 1.66 10.53 -10.52
N GLY A 156 0.87 10.08 -11.49
CA GLY A 156 1.17 10.39 -12.89
C GLY A 156 2.55 9.87 -13.28
N GLU A 157 3.40 10.77 -13.75
CA GLU A 157 4.78 10.43 -14.09
CA GLU A 157 4.79 10.38 -14.11
C GLU A 157 5.74 10.38 -12.92
N TYR A 158 5.31 10.89 -11.78
CA TYR A 158 6.15 11.03 -10.60
C TYR A 158 6.21 9.74 -9.79
N ILE A 159 7.41 9.22 -9.58
CA ILE A 159 7.63 7.94 -8.92
C ILE A 159 8.54 8.21 -7.72
N PHE A 160 8.08 7.84 -6.53
CA PHE A 160 8.85 8.15 -5.32
C PHE A 160 8.62 7.07 -4.28
N ASP A 161 9.23 7.22 -3.11
CA ASP A 161 9.12 6.21 -2.06
C ASP A 161 9.14 6.90 -0.70
N GLU A 162 9.47 6.14 0.34
CA GLU A 162 9.43 6.66 1.71
C GLU A 162 10.39 7.82 1.95
N SER A 163 11.37 8.01 1.07
CA SER A 163 12.31 9.13 1.23
C SER A 163 11.68 10.47 0.92
N VAL A 164 10.50 10.48 0.28
CA VAL A 164 9.82 11.73 -0.06
C VAL A 164 9.62 12.59 1.18
N THR A 165 9.80 13.90 1.06
CA THR A 165 9.46 14.78 2.16
C THR A 165 8.01 15.22 1.99
N GLU A 166 7.40 15.72 3.06
CA GLU A 166 6.01 16.16 2.95
C GLU A 166 5.85 17.36 2.03
N GLU A 167 6.85 18.24 1.97
CA GLU A 167 6.85 19.31 0.99
CA GLU A 167 6.80 19.33 1.01
C GLU A 167 6.89 18.81 -0.44
N GLU A 168 7.73 17.81 -0.68
CA GLU A 168 7.80 17.20 -2.01
C GLU A 168 6.47 16.54 -2.36
N LEU A 169 5.86 15.88 -1.38
CA LEU A 169 4.59 15.19 -1.60
C LEU A 169 3.49 16.19 -1.96
N ARG A 170 3.39 17.27 -1.19
CA ARG A 170 2.51 18.37 -1.56
CA ARG A 170 2.51 18.38 -1.57
C ARG A 170 2.76 18.83 -2.99
N GLY A 171 4.03 18.99 -3.35
CA GLY A 171 4.41 19.40 -4.70
C GLY A 171 3.84 18.45 -5.75
N TYR A 172 4.02 17.15 -5.54
CA TYR A 172 3.52 16.16 -6.51
C TYR A 172 1.99 16.18 -6.61
N ILE A 173 1.31 16.36 -5.48
CA ILE A 173 -0.14 16.41 -5.47
C ILE A 173 -0.65 17.63 -6.25
N GLU A 174 0.06 18.75 -6.09
CA GLU A 174 -0.34 20.01 -6.72
C GLU A 174 0.20 20.15 -8.15
N LYS A 175 0.93 19.08 -8.59
CA LYS A 175 1.11 18.94 -9.94
C LYS A 175 2.46 18.24 -10.32
#